data_5WEP
#
_entry.id   5WEP
#
_cell.length_a   73.181
_cell.length_b   73.181
_cell.length_c   123.818
_cell.angle_alpha   90.000
_cell.angle_beta   90.000
_cell.angle_gamma   90.000
#
_symmetry.space_group_name_H-M   'P 43 21 2'
#
loop_
_entity.id
_entity.type
_entity.pdbx_description
1 polymer FosA3
2 non-polymer "6,6'-(4-nitro-1H-pyrazole-3,5-diyl)bis(3-bromopyrazolo[1,5-a]pyrimidin-2(1H)-one)"
3 non-polymer 'ZINC ION'
#
_entity_poly.entity_id   1
_entity_poly.type   'polypeptide(L)'
_entity_poly.pdbx_seq_one_letter_code
;MLQGLNHLTLAVSDLASSLAFYQQLPGMRLHASWDSGAYLSCGALWLCLSLDEQRRKTPPQESDYTHYAFSVAEEEFAGV
VALLAQAGAEVWKDNRSEGASYYFLDPDGHKLELHVGNLAQRLAACRERPYKGMVFFDHHHHHH
;
_entity_poly.pdbx_strand_id   A,B
#
loop_
_chem_comp.id
_chem_comp.type
_chem_comp.name
_chem_comp.formula
A81 non-polymer 6,6'-(4-nitro-1H-pyrazole-3,5-diyl)bis(3-bromopyrazolo[1,5-a]pyrimidin-2(1H)-one) 'C15 H7 Br2 N9 O4'
ZN non-polymer 'ZINC ION' 'Zn 2'
#
# COMPACT_ATOMS: atom_id res chain seq x y z
N MET A 1 -5.39 5.16 -18.91
CA MET A 1 -4.13 4.85 -18.24
C MET A 1 -4.38 4.00 -17.00
N LEU A 2 -3.69 4.35 -15.92
CA LEU A 2 -3.81 3.59 -14.68
C LEU A 2 -5.18 3.79 -14.02
N GLN A 3 -5.79 2.68 -13.60
CA GLN A 3 -7.09 2.74 -12.93
C GLN A 3 -6.92 3.00 -11.44
N GLY A 4 -6.20 2.13 -10.75
CA GLY A 4 -6.06 2.24 -9.31
C GLY A 4 -5.12 1.16 -8.80
N LEU A 5 -5.05 1.04 -7.47
CA LEU A 5 -4.21 0.00 -6.89
C LEU A 5 -4.70 -1.39 -7.28
N ASN A 6 -3.89 -2.12 -8.04
CA ASN A 6 -4.26 -3.47 -8.47
C ASN A 6 -4.25 -4.44 -7.28
N HIS A 7 -3.11 -4.54 -6.61
CA HIS A 7 -3.01 -5.36 -5.41
C HIS A 7 -1.91 -4.80 -4.53
N LEU A 8 -1.77 -5.39 -3.34
CA LEU A 8 -0.77 -5.00 -2.35
C LEU A 8 -0.11 -6.27 -1.83
N THR A 9 1.20 -6.39 -2.06
CA THR A 9 1.96 -7.56 -1.63
C THR A 9 2.82 -7.20 -0.43
N LEU A 10 2.68 -7.96 0.65
CA LEU A 10 3.44 -7.76 1.87
C LEU A 10 4.35 -8.95 2.09
N ALA A 11 5.63 -8.69 2.32
CA ALA A 11 6.57 -9.75 2.65
C ALA A 11 6.44 -10.12 4.12
N VAL A 12 6.30 -11.42 4.37
CA VAL A 12 6.10 -11.92 5.73
C VAL A 12 6.98 -13.14 5.94
N SER A 13 7.66 -13.19 7.09
CA SER A 13 8.50 -14.33 7.43
C SER A 13 7.64 -15.55 7.72
N ASP A 14 6.91 -15.53 8.83
CA ASP A 14 5.97 -16.60 9.14
C ASP A 14 4.69 -16.37 8.35
N LEU A 15 4.31 -17.36 7.54
CA LEU A 15 3.10 -17.20 6.75
C LEU A 15 1.86 -17.49 7.59
N ALA A 16 1.82 -18.66 8.24
CA ALA A 16 0.68 -19.04 9.05
C ALA A 16 0.34 -17.99 10.08
N SER A 17 1.36 -17.48 10.78
CA SER A 17 1.14 -16.46 11.80
C SER A 17 0.61 -15.17 11.20
N SER A 18 1.25 -14.66 10.14
CA SER A 18 0.80 -13.41 9.55
C SER A 18 -0.58 -13.55 8.92
N LEU A 19 -0.83 -14.62 8.18
CA LEU A 19 -2.13 -14.75 7.52
C LEU A 19 -3.24 -14.90 8.55
N ALA A 20 -2.96 -15.54 9.69
CA ALA A 20 -3.95 -15.62 10.77
C ALA A 20 -4.33 -14.22 11.25
N PHE A 21 -3.33 -13.35 11.42
CA PHE A 21 -3.56 -11.96 11.78
C PHE A 21 -4.64 -11.34 10.92
N TYR A 22 -4.38 -11.18 9.62
CA TYR A 22 -5.31 -10.50 8.74
C TYR A 22 -6.65 -11.24 8.61
N GLN A 23 -6.62 -12.57 8.71
CA GLN A 23 -7.85 -13.36 8.58
C GLN A 23 -8.75 -13.20 9.80
N GLN A 24 -8.18 -13.14 11.00
CA GLN A 24 -8.99 -13.14 12.22
C GLN A 24 -9.37 -11.75 12.69
N LEU A 25 -8.39 -10.89 12.96
CA LEU A 25 -8.73 -9.61 13.56
C LEU A 25 -9.30 -8.62 12.53
N PRO A 26 -8.61 -8.28 11.44
CA PRO A 26 -9.28 -7.46 10.42
C PRO A 26 -10.34 -8.21 9.64
N GLY A 27 -10.28 -9.53 9.59
CA GLY A 27 -11.29 -10.32 8.92
C GLY A 27 -11.37 -10.07 7.42
N MET A 28 -10.25 -10.27 6.73
CA MET A 28 -10.20 -10.11 5.28
C MET A 28 -10.50 -11.46 4.65
N ARG A 29 -11.47 -11.49 3.73
CA ARG A 29 -11.94 -12.76 3.19
C ARG A 29 -10.83 -13.53 2.49
N LEU A 30 -10.19 -14.43 3.25
CA LEU A 30 -9.09 -15.25 2.76
C LEU A 30 -9.53 -16.13 1.59
N HIS A 31 -9.03 -15.80 0.40
CA HIS A 31 -9.45 -16.47 -0.82
C HIS A 31 -8.67 -17.77 -1.04
N ALA A 32 -7.34 -17.68 -1.03
CA ALA A 32 -6.51 -18.85 -1.26
C ALA A 32 -5.16 -18.63 -0.59
N SER A 33 -4.44 -19.74 -0.38
CA SER A 33 -3.10 -19.70 0.19
C SER A 33 -2.36 -20.94 -0.25
N TRP A 34 -1.03 -20.86 -0.23
CA TRP A 34 -0.20 -21.97 -0.67
C TRP A 34 1.08 -21.98 0.16
N ASP A 35 2.07 -22.74 -0.32
CA ASP A 35 3.27 -23.00 0.46
C ASP A 35 4.19 -21.79 0.57
N SER A 36 3.98 -20.73 -0.22
CA SER A 36 4.86 -19.57 -0.15
C SER A 36 4.10 -18.27 -0.31
N GLY A 37 2.83 -18.25 0.08
CA GLY A 37 2.07 -17.03 -0.02
C GLY A 37 0.61 -17.25 0.31
N ALA A 38 -0.15 -16.16 0.22
CA ALA A 38 -1.58 -16.20 0.48
C ALA A 38 -2.24 -14.99 -0.16
N TYR A 39 -3.48 -15.18 -0.62
CA TYR A 39 -4.31 -14.11 -1.17
C TYR A 39 -5.45 -13.79 -0.23
N LEU A 40 -5.58 -12.53 0.17
CA LEU A 40 -6.73 -12.07 0.94
C LEU A 40 -7.35 -10.87 0.25
N SER A 41 -8.63 -10.65 0.52
CA SER A 41 -9.37 -9.58 -0.12
C SER A 41 -10.13 -8.78 0.93
N CYS A 42 -10.42 -7.54 0.57
CA CYS A 42 -11.12 -6.62 1.44
C CYS A 42 -11.91 -5.66 0.55
N GLY A 43 -12.90 -6.22 -0.16
CA GLY A 43 -13.70 -5.42 -1.07
C GLY A 43 -12.97 -5.01 -2.32
N ALA A 44 -12.75 -3.70 -2.49
CA ALA A 44 -12.01 -3.23 -3.66
C ALA A 44 -10.53 -3.58 -3.58
N LEU A 45 -10.01 -3.84 -2.38
CA LEU A 45 -8.59 -4.07 -2.20
C LEU A 45 -8.27 -5.56 -2.32
N TRP A 46 -7.10 -5.85 -2.89
CA TRP A 46 -6.57 -7.19 -3.00
C TRP A 46 -5.24 -7.22 -2.27
N LEU A 47 -5.15 -8.06 -1.25
CA LEU A 47 -3.96 -8.19 -0.43
C LEU A 47 -3.26 -9.51 -0.71
N CYS A 48 -1.94 -9.47 -0.86
CA CYS A 48 -1.14 -10.67 -1.04
C CYS A 48 -0.08 -10.72 0.04
N LEU A 49 -0.03 -11.83 0.76
CA LEU A 49 1.00 -12.08 1.75
C LEU A 49 1.98 -13.07 1.12
N SER A 50 3.07 -12.55 0.57
CA SER A 50 4.10 -13.40 -0.04
C SER A 50 5.15 -13.76 0.99
N LEU A 51 5.48 -15.04 1.07
CA LEU A 51 6.47 -15.49 2.04
C LEU A 51 7.86 -15.10 1.57
N ASP A 52 8.52 -14.23 2.33
CA ASP A 52 9.90 -13.81 2.07
C ASP A 52 10.74 -14.20 3.27
N GLU A 53 11.81 -14.96 3.02
CA GLU A 53 12.71 -15.36 4.09
C GLU A 53 13.70 -14.28 4.45
N GLN A 54 13.70 -13.15 3.74
CA GLN A 54 14.59 -12.03 4.02
C GLN A 54 13.88 -10.91 4.77
N ARG A 55 12.72 -11.18 5.35
CA ARG A 55 11.94 -10.17 6.06
C ARG A 55 12.06 -10.43 7.57
N ARG A 56 12.89 -9.63 8.24
CA ARG A 56 12.98 -9.69 9.68
C ARG A 56 11.86 -8.85 10.29
N LYS A 57 11.25 -9.36 11.37
CA LYS A 57 10.20 -8.60 12.03
C LYS A 57 10.76 -7.31 12.61
N THR A 58 10.84 -6.27 11.76
CA THR A 58 11.57 -5.04 12.10
C THR A 58 10.76 -4.19 13.07
N PRO A 59 11.38 -3.67 14.13
CA PRO A 59 10.66 -2.80 15.06
C PRO A 59 10.34 -1.46 14.44
N PRO A 60 9.34 -0.75 14.98
CA PRO A 60 8.98 0.56 14.40
C PRO A 60 10.08 1.60 14.57
N GLN A 61 10.95 1.45 15.58
CA GLN A 61 12.06 2.38 15.74
C GLN A 61 13.05 2.26 14.58
N GLU A 62 13.14 1.09 13.97
CA GLU A 62 14.06 0.82 12.87
C GLU A 62 13.35 0.78 11.52
N SER A 63 12.23 1.47 11.38
CA SER A 63 11.46 1.50 10.15
C SER A 63 11.08 2.93 9.80
N ASP A 64 10.88 3.17 8.51
CA ASP A 64 10.48 4.49 8.05
C ASP A 64 8.97 4.68 8.23
N TYR A 65 8.48 5.86 7.85
CA TYR A 65 7.08 6.21 8.04
C TYR A 65 6.14 5.48 7.08
N THR A 66 6.66 4.79 6.08
CA THR A 66 5.82 4.09 5.12
C THR A 66 4.89 3.10 5.82
N HIS A 67 3.58 3.32 5.67
CA HIS A 67 2.56 2.49 6.30
C HIS A 67 1.40 2.29 5.34
N TYR A 68 0.44 1.46 5.76
CA TYR A 68 -0.73 1.14 4.95
C TYR A 68 -1.98 1.30 5.81
N ALA A 69 -2.95 2.07 5.31
CA ALA A 69 -4.16 2.38 6.06
C ALA A 69 -5.34 1.57 5.53
N PHE A 70 -6.42 1.56 6.31
CA PHE A 70 -7.61 0.81 5.95
C PHE A 70 -8.85 1.65 6.26
N SER A 71 -9.86 1.50 5.42
CA SER A 71 -11.10 2.26 5.55
C SER A 71 -12.08 1.51 6.44
N VAL A 72 -12.50 2.15 7.52
CA VAL A 72 -13.45 1.56 8.45
C VAL A 72 -14.56 2.58 8.71
N ALA A 73 -15.76 2.06 8.95
CA ALA A 73 -16.90 2.91 9.28
C ALA A 73 -16.66 3.65 10.58
N GLU A 74 -17.12 4.90 10.64
CA GLU A 74 -16.95 5.72 11.83
C GLU A 74 -17.57 5.05 13.06
N GLU A 75 -18.80 4.53 12.90
CA GLU A 75 -19.46 3.86 14.01
C GLU A 75 -18.65 2.67 14.51
N GLU A 76 -18.09 1.89 13.59
CA GLU A 76 -17.33 0.69 13.93
C GLU A 76 -15.88 0.99 14.32
N PHE A 77 -15.58 2.22 14.76
CA PHE A 77 -14.22 2.55 15.17
C PHE A 77 -13.86 1.94 16.52
N ALA A 78 -14.57 2.35 17.58
CA ALA A 78 -14.28 1.85 18.92
C ALA A 78 -14.26 0.33 18.96
N GLY A 79 -15.15 -0.31 18.22
CA GLY A 79 -15.19 -1.77 18.19
C GLY A 79 -13.87 -2.38 17.76
N VAL A 80 -13.33 -1.92 16.62
CA VAL A 80 -12.06 -2.45 16.13
C VAL A 80 -10.87 -1.83 16.85
N VAL A 81 -11.03 -0.66 17.47
CA VAL A 81 -9.97 -0.10 18.30
C VAL A 81 -9.67 -1.02 19.48
N ALA A 82 -10.72 -1.40 20.21
CA ALA A 82 -10.55 -2.38 21.28
C ALA A 82 -10.07 -3.71 20.73
N LEU A 83 -10.57 -4.10 19.56
CA LEU A 83 -10.21 -5.38 18.96
C LEU A 83 -8.70 -5.54 18.93
N LEU A 84 -7.97 -4.50 18.52
CA LEU A 84 -6.52 -4.57 18.48
C LEU A 84 -5.89 -4.31 19.83
N ALA A 85 -6.43 -3.35 20.60
CA ALA A 85 -5.89 -3.07 21.92
C ALA A 85 -6.08 -4.26 22.85
N GLN A 86 -7.22 -4.95 22.77
CA GLN A 86 -7.45 -6.10 23.64
C GLN A 86 -6.63 -7.30 23.20
N ALA A 87 -6.39 -7.45 21.89
CA ALA A 87 -5.55 -8.51 21.38
C ALA A 87 -4.06 -8.22 21.55
N GLY A 88 -3.70 -7.02 21.99
CA GLY A 88 -2.31 -6.68 22.16
C GLY A 88 -1.60 -6.30 20.89
N ALA A 89 -2.31 -5.78 19.90
CA ALA A 89 -1.66 -5.29 18.70
C ALA A 89 -0.93 -4.01 19.04
N GLU A 90 0.39 -4.01 18.83
CA GLU A 90 1.23 -2.91 19.29
C GLU A 90 0.96 -1.64 18.48
N VAL A 91 1.19 -0.49 19.12
CA VAL A 91 0.97 0.82 18.53
C VAL A 91 2.32 1.44 18.20
N TRP A 92 2.35 2.34 17.20
CA TRP A 92 3.56 3.04 16.83
C TRP A 92 3.39 4.55 16.71
N LYS A 93 2.18 5.07 16.89
CA LYS A 93 1.90 6.50 16.96
C LYS A 93 0.48 6.66 17.49
N ASP A 94 0.20 7.86 18.04
CA ASP A 94 -1.09 8.11 18.68
C ASP A 94 -2.10 8.79 17.78
N ASN A 95 -1.66 9.36 16.65
CA ASN A 95 -2.52 10.13 15.76
C ASN A 95 -3.20 11.27 16.51
N ARG A 96 -2.48 12.37 16.70
CA ARG A 96 -3.04 13.56 17.32
C ARG A 96 -3.62 14.47 16.24
N SER A 97 -4.87 14.86 16.42
CA SER A 97 -5.62 15.69 15.46
C SER A 97 -5.68 14.93 14.13
N GLU A 98 -5.77 15.67 13.01
CA GLU A 98 -5.83 15.10 11.66
C GLU A 98 -7.09 14.27 11.42
N GLY A 99 -7.89 14.05 12.47
CA GLY A 99 -9.10 13.27 12.34
C GLY A 99 -9.22 12.16 13.36
N ALA A 100 -9.67 10.98 12.92
CA ALA A 100 -9.84 9.82 13.77
C ALA A 100 -9.10 8.65 13.15
N SER A 101 -7.98 8.26 13.75
CA SER A 101 -7.16 7.20 13.19
C SER A 101 -6.40 6.49 14.31
N TYR A 102 -6.12 5.20 14.09
CA TYR A 102 -5.42 4.35 15.04
C TYR A 102 -4.28 3.63 14.34
N TYR A 103 -3.05 3.96 14.71
CA TYR A 103 -1.86 3.39 14.06
C TYR A 103 -1.42 2.15 14.82
N PHE A 104 -0.99 1.13 14.08
CA PHE A 104 -0.54 -0.12 14.69
C PHE A 104 0.35 -0.86 13.67
N LEU A 105 0.80 -2.05 14.05
CA LEU A 105 1.70 -2.82 13.21
C LEU A 105 1.32 -4.30 13.25
N ASP A 106 1.70 -5.02 12.19
CA ASP A 106 1.41 -6.44 11.99
C ASP A 106 2.49 -7.28 12.67
N PRO A 107 2.44 -8.63 12.61
CA PRO A 107 3.52 -9.41 13.24
C PRO A 107 4.91 -9.08 12.73
N ASP A 108 5.09 -8.92 11.42
CA ASP A 108 6.39 -8.67 10.84
C ASP A 108 6.76 -7.19 10.85
N GLY A 109 6.05 -6.37 11.61
CA GLY A 109 6.42 -4.99 11.77
C GLY A 109 6.00 -4.06 10.66
N HIS A 110 5.08 -4.48 9.80
CA HIS A 110 4.53 -3.58 8.79
C HIS A 110 3.63 -2.57 9.47
N LYS A 111 4.01 -1.30 9.43
CA LYS A 111 3.20 -0.27 10.05
C LYS A 111 1.85 -0.18 9.34
N LEU A 112 0.77 -0.28 10.11
CA LEU A 112 -0.57 -0.26 9.58
C LEU A 112 -1.36 0.88 10.22
N GLU A 113 -2.55 1.13 9.70
CA GLU A 113 -3.34 2.28 10.13
C GLU A 113 -4.81 1.99 9.91
N LEU A 114 -5.64 2.45 10.83
CA LEU A 114 -7.09 2.39 10.71
C LEU A 114 -7.62 3.81 10.66
N HIS A 115 -8.22 4.20 9.55
CA HIS A 115 -8.62 5.59 9.34
C HIS A 115 -10.08 5.67 8.96
N VAL A 116 -10.71 6.76 9.41
CA VAL A 116 -12.09 7.10 9.08
C VAL A 116 -12.04 8.40 8.29
N GLY A 117 -12.43 8.34 7.02
CA GLY A 117 -12.45 9.53 6.19
C GLY A 117 -11.73 9.35 4.86
N ASN A 118 -12.34 9.86 3.78
CA ASN A 118 -11.73 9.75 2.45
C ASN A 118 -10.83 10.95 2.18
N LEU A 119 -10.28 10.99 0.97
CA LEU A 119 -9.40 12.10 0.60
C LEU A 119 -10.17 13.42 0.52
N ALA A 120 -11.40 13.37 0.00
CA ALA A 120 -12.20 14.59 -0.12
C ALA A 120 -12.46 15.22 1.24
N GLN A 121 -12.77 14.42 2.25
CA GLN A 121 -12.99 14.96 3.59
C GLN A 121 -11.70 15.54 4.16
N ARG A 122 -10.56 14.91 3.85
CA ARG A 122 -9.28 15.44 4.30
C ARG A 122 -8.98 16.77 3.63
N LEU A 123 -9.16 16.84 2.29
CA LEU A 123 -8.87 18.07 1.58
C LEU A 123 -9.75 19.22 2.05
N ALA A 124 -11.02 18.93 2.36
CA ALA A 124 -11.90 19.97 2.88
C ALA A 124 -11.42 20.47 4.24
N ALA A 125 -10.98 19.55 5.10
CA ALA A 125 -10.48 19.95 6.42
C ALA A 125 -9.22 20.79 6.29
N CYS A 126 -8.37 20.50 5.30
CA CYS A 126 -7.15 21.28 5.13
C CYS A 126 -7.45 22.68 4.61
N ARG A 127 -8.52 22.85 3.83
CA ARG A 127 -8.88 24.18 3.36
C ARG A 127 -9.20 25.10 4.53
N GLU A 128 -9.67 24.54 5.65
CA GLU A 128 -9.88 25.34 6.85
C GLU A 128 -8.55 25.73 7.47
N ARG A 129 -7.86 24.77 8.07
CA ARG A 129 -6.53 25.00 8.63
C ARG A 129 -5.50 24.22 7.82
N PRO A 130 -4.70 24.87 6.98
CA PRO A 130 -3.76 24.15 6.12
C PRO A 130 -2.43 23.90 6.81
N TYR A 131 -1.64 23.03 6.19
CA TYR A 131 -0.34 22.66 6.72
C TYR A 131 0.69 23.74 6.39
N LYS A 132 1.95 23.49 6.78
CA LYS A 132 3.05 24.40 6.47
C LYS A 132 3.31 24.46 4.97
N GLY A 133 3.03 25.61 4.36
CA GLY A 133 3.28 25.78 2.93
C GLY A 133 2.43 24.91 2.04
N MET A 134 1.17 24.67 2.41
CA MET A 134 0.29 23.83 1.63
C MET A 134 -0.21 24.56 0.39
N VAL A 135 -0.33 23.84 -0.71
CA VAL A 135 -0.78 24.37 -1.99
C VAL A 135 -1.78 23.40 -2.58
N PHE A 136 -2.89 23.93 -3.10
CA PHE A 136 -3.94 23.12 -3.68
C PHE A 136 -3.84 23.15 -5.21
N PHE A 137 -4.49 22.18 -5.86
CA PHE A 137 -4.45 22.10 -7.32
C PHE A 137 -5.81 21.77 -7.91
N ASP A 138 -6.48 20.73 -7.40
CA ASP A 138 -7.71 20.19 -8.00
C ASP A 138 -7.48 19.74 -9.44
N MET B 1 -15.76 -4.96 10.92
CA MET B 1 -16.04 -4.67 9.52
C MET B 1 -15.29 -3.42 9.06
N LEU B 2 -14.62 -3.53 7.92
CA LEU B 2 -13.84 -2.44 7.35
C LEU B 2 -13.77 -2.60 5.84
N GLN B 3 -13.90 -1.48 5.12
CA GLN B 3 -13.86 -1.47 3.67
C GLN B 3 -12.42 -1.51 3.17
N GLY B 4 -12.22 -1.16 1.88
CA GLY B 4 -10.91 -1.28 1.25
C GLY B 4 -9.78 -0.43 1.80
N LEU B 5 -8.67 -0.41 1.06
CA LEU B 5 -7.50 0.40 1.43
C LEU B 5 -7.84 1.88 1.45
N ASN B 6 -7.76 2.51 2.62
CA ASN B 6 -8.10 3.92 2.73
C ASN B 6 -7.07 4.78 1.99
N HIS B 7 -5.81 4.65 2.34
CA HIS B 7 -4.75 5.36 1.66
C HIS B 7 -3.46 4.58 1.79
N LEU B 8 -2.42 5.06 1.11
CA LEU B 8 -1.10 4.47 1.13
C LEU B 8 -0.09 5.58 1.29
N THR B 9 0.67 5.56 2.38
CA THR B 9 1.64 6.60 2.67
C THR B 9 3.04 6.07 2.39
N LEU B 10 3.80 6.79 1.58
CA LEU B 10 5.16 6.41 1.23
C LEU B 10 6.14 7.43 1.80
N ALA B 11 7.14 6.94 2.51
CA ALA B 11 8.20 7.79 3.04
C ALA B 11 9.22 8.07 1.93
N VAL B 12 9.54 9.35 1.75
CA VAL B 12 10.43 9.78 0.69
C VAL B 12 11.43 10.78 1.24
N SER B 13 12.70 10.61 0.88
CA SER B 13 13.74 11.54 1.30
C SER B 13 13.60 12.86 0.56
N ASP B 14 13.90 12.85 -0.74
CA ASP B 14 13.72 14.05 -1.57
C ASP B 14 12.25 14.13 -1.96
N LEU B 15 11.59 15.22 -1.60
CA LEU B 15 10.17 15.39 -1.94
C LEU B 15 9.99 15.87 -3.37
N ALA B 16 10.70 16.94 -3.74
CA ALA B 16 10.58 17.52 -5.08
C ALA B 16 10.79 16.47 -6.16
N SER B 17 11.82 15.64 -6.01
CA SER B 17 12.08 14.57 -6.96
C SER B 17 10.93 13.56 -6.98
N SER B 18 10.51 13.11 -5.78
CA SER B 18 9.45 12.13 -5.68
C SER B 18 8.11 12.68 -6.16
N LEU B 19 7.79 13.92 -5.80
CA LEU B 19 6.50 14.48 -6.20
C LEU B 19 6.39 14.61 -7.71
N ALA B 20 7.51 14.93 -8.38
CA ALA B 20 7.52 15.00 -9.84
C ALA B 20 7.25 13.64 -10.47
N PHE B 21 7.91 12.60 -9.97
CA PHE B 21 7.76 11.21 -10.45
C PHE B 21 6.30 10.79 -10.62
N TYR B 22 5.57 10.66 -9.51
CA TYR B 22 4.19 10.19 -9.57
C TYR B 22 3.29 11.14 -10.33
N GLN B 23 3.57 12.45 -10.27
CA GLN B 23 2.72 13.42 -10.96
C GLN B 23 2.90 13.33 -12.47
N GLN B 24 4.15 13.27 -12.94
CA GLN B 24 4.41 13.33 -14.38
C GLN B 24 4.19 11.97 -15.05
N LEU B 25 5.04 10.97 -14.71
CA LEU B 25 5.02 9.73 -15.47
C LEU B 25 3.72 8.96 -15.29
N PRO B 26 3.30 8.58 -14.08
CA PRO B 26 1.96 8.04 -13.91
C PRO B 26 0.92 9.14 -13.99
N GLY B 27 -0.33 8.73 -14.23
CA GLY B 27 -1.41 9.70 -14.26
C GLY B 27 -2.02 9.92 -12.88
N MET B 28 -1.20 10.32 -11.91
CA MET B 28 -1.68 10.57 -10.56
C MET B 28 -2.10 12.02 -10.41
N ARG B 29 -3.38 12.25 -10.09
CA ARG B 29 -3.93 13.59 -9.98
C ARG B 29 -3.46 14.28 -8.70
N LEU B 30 -2.35 15.01 -8.77
CA LEU B 30 -1.79 15.71 -7.61
C LEU B 30 -2.77 16.73 -7.03
N HIS B 31 -3.34 16.42 -5.86
CA HIS B 31 -4.32 17.30 -5.24
C HIS B 31 -3.67 18.44 -4.47
N ALA B 32 -2.77 18.12 -3.54
CA ALA B 32 -2.16 19.15 -2.72
C ALA B 32 -0.78 18.70 -2.26
N SER B 33 0.02 19.67 -1.83
CA SER B 33 1.36 19.39 -1.33
C SER B 33 1.78 20.51 -0.37
N TRP B 34 2.72 20.18 0.51
CA TRP B 34 3.22 21.13 1.51
C TRP B 34 4.69 20.85 1.76
N ASP B 35 5.23 21.43 2.84
CA ASP B 35 6.66 21.38 3.08
C ASP B 35 7.18 20.00 3.44
N SER B 36 6.30 19.07 3.80
CA SER B 36 6.76 17.75 4.21
C SER B 36 5.81 16.64 3.74
N GLY B 37 5.11 16.86 2.63
CA GLY B 37 4.23 15.83 2.13
C GLY B 37 3.41 16.31 0.95
N ALA B 38 2.61 15.39 0.43
CA ALA B 38 1.78 15.66 -0.72
C ALA B 38 0.65 14.63 -0.78
N TYR B 39 -0.50 15.06 -1.29
CA TYR B 39 -1.63 14.19 -1.52
C TYR B 39 -1.85 14.03 -3.03
N LEU B 40 -1.86 12.78 -3.49
CA LEU B 40 -2.14 12.44 -4.88
C LEU B 40 -3.27 11.44 -4.94
N SER B 41 -3.90 11.34 -6.11
CA SER B 41 -5.05 10.48 -6.31
C SER B 41 -4.87 9.61 -7.55
N CYS B 42 -5.57 8.49 -7.55
CA CYS B 42 -5.52 7.54 -8.64
C CYS B 42 -6.86 6.81 -8.70
N GLY B 43 -7.92 7.57 -9.01
CA GLY B 43 -9.26 7.02 -9.04
C GLY B 43 -9.77 6.69 -7.65
N ALA B 44 -9.98 5.40 -7.38
CA ALA B 44 -10.40 4.98 -6.05
C ALA B 44 -9.27 5.08 -5.03
N LEU B 45 -8.01 5.16 -5.48
CA LEU B 45 -6.85 5.12 -4.59
C LEU B 45 -6.45 6.52 -4.14
N TRP B 46 -5.94 6.61 -2.91
CA TRP B 46 -5.43 7.84 -2.33
C TRP B 46 -3.97 7.63 -1.93
N LEU B 47 -3.06 8.38 -2.53
CA LEU B 47 -1.64 8.25 -2.29
C LEU B 47 -1.10 9.43 -1.51
N CYS B 48 -0.30 9.15 -0.48
CA CYS B 48 0.36 10.19 0.30
C CYS B 48 1.88 9.97 0.29
N LEU B 49 2.61 10.98 -0.13
CA LEU B 49 4.07 10.97 -0.10
C LEU B 49 4.52 11.81 1.07
N SER B 50 4.84 11.16 2.19
CA SER B 50 5.28 11.86 3.38
C SER B 50 6.81 12.01 3.35
N LEU B 51 7.29 13.22 3.61
CA LEU B 51 8.72 13.49 3.62
C LEU B 51 9.32 12.90 4.90
N ASP B 52 10.21 11.93 4.75
CA ASP B 52 10.93 11.32 5.87
C ASP B 52 12.43 11.53 5.66
N GLU B 53 13.07 12.15 6.64
CA GLU B 53 14.52 12.35 6.58
C GLU B 53 15.31 11.11 6.98
N GLN B 54 14.63 10.06 7.43
CA GLN B 54 15.27 8.80 7.78
C GLN B 54 15.12 7.74 6.70
N ARG B 55 14.74 8.14 5.48
CA ARG B 55 14.48 7.23 4.37
C ARG B 55 15.63 7.29 3.39
N ARG B 56 16.51 6.29 3.44
CA ARG B 56 17.58 6.18 2.46
C ARG B 56 17.06 5.54 1.19
N LYS B 57 17.48 6.07 0.04
CA LYS B 57 17.10 5.50 -1.24
C LYS B 57 17.70 4.11 -1.38
N THR B 58 17.01 3.11 -0.85
CA THR B 58 17.53 1.75 -0.71
C THR B 58 17.50 1.01 -2.04
N PRO B 59 18.56 0.28 -2.39
CA PRO B 59 18.55 -0.51 -3.62
C PRO B 59 17.63 -1.71 -3.49
N PRO B 60 17.16 -2.27 -4.61
CA PRO B 60 16.25 -3.42 -4.52
C PRO B 60 16.88 -4.66 -3.92
N GLN B 61 18.21 -4.82 -4.03
CA GLN B 61 18.86 -5.97 -3.40
C GLN B 61 18.78 -5.91 -1.88
N GLU B 62 18.65 -4.71 -1.31
CA GLU B 62 18.58 -4.52 0.13
C GLU B 62 17.16 -4.24 0.61
N SER B 63 16.15 -4.71 -0.13
CA SER B 63 14.74 -4.52 0.20
C SER B 63 14.01 -5.84 0.09
N ASP B 64 12.92 -5.97 0.84
CA ASP B 64 12.13 -7.19 0.82
C ASP B 64 11.21 -7.22 -0.40
N TYR B 65 10.44 -8.30 -0.53
CA TYR B 65 9.55 -8.43 -1.68
C TYR B 65 8.35 -7.51 -1.58
N THR B 66 8.14 -6.85 -0.44
CA THR B 66 6.99 -5.97 -0.26
C THR B 66 6.97 -4.88 -1.33
N HIS B 67 5.91 -4.89 -2.14
CA HIS B 67 5.77 -3.95 -3.24
C HIS B 67 4.31 -3.53 -3.36
N TYR B 68 4.07 -2.57 -4.25
CA TYR B 68 2.73 -2.03 -4.45
C TYR B 68 2.44 -1.99 -5.95
N ALA B 69 1.31 -2.57 -6.35
CA ALA B 69 0.95 -2.72 -7.75
C ALA B 69 -0.11 -1.70 -8.15
N PHE B 70 -0.29 -1.57 -9.47
CA PHE B 70 -1.25 -0.63 -10.06
C PHE B 70 -1.99 -1.32 -11.19
N SER B 71 -3.27 -0.98 -11.32
CA SER B 71 -4.13 -1.56 -12.34
C SER B 71 -4.09 -0.66 -13.57
N VAL B 72 -3.69 -1.22 -14.71
CA VAL B 72 -3.63 -0.49 -15.97
C VAL B 72 -4.35 -1.30 -17.03
N ALA B 73 -4.99 -0.57 -17.96
CA ALA B 73 -5.71 -1.22 -19.05
C ALA B 73 -4.76 -2.03 -19.91
N GLU B 74 -5.25 -3.19 -20.39
CA GLU B 74 -4.43 -4.04 -21.25
C GLU B 74 -3.99 -3.29 -22.49
N GLU B 75 -4.92 -2.58 -23.14
CA GLU B 75 -4.57 -1.78 -24.30
C GLU B 75 -3.55 -0.71 -23.97
N GLU B 76 -3.73 -0.02 -22.84
CA GLU B 76 -2.81 1.03 -22.43
C GLU B 76 -1.57 0.49 -21.72
N PHE B 77 -1.22 -0.78 -21.92
CA PHE B 77 -0.05 -1.34 -21.26
C PHE B 77 1.24 -0.79 -21.87
N ALA B 78 1.45 -1.05 -23.16
CA ALA B 78 2.66 -0.58 -23.85
C ALA B 78 2.86 0.92 -23.70
N GLY B 79 1.77 1.69 -23.72
CA GLY B 79 1.90 3.13 -23.57
C GLY B 79 2.62 3.54 -22.30
N VAL B 80 2.18 3.01 -21.16
CA VAL B 80 2.85 3.31 -19.90
C VAL B 80 4.12 2.47 -19.74
N VAL B 81 4.19 1.31 -20.40
CA VAL B 81 5.42 0.54 -20.42
C VAL B 81 6.52 1.33 -21.11
N ALA B 82 6.20 1.90 -22.28
CA ALA B 82 7.16 2.74 -22.98
C ALA B 82 7.56 3.94 -22.16
N LEU B 83 6.59 4.57 -21.47
CA LEU B 83 6.87 5.77 -20.68
C LEU B 83 7.98 5.51 -19.67
N LEU B 84 7.93 4.37 -18.97
CA LEU B 84 8.96 4.04 -17.98
C LEU B 84 10.21 3.49 -18.63
N ALA B 85 10.05 2.66 -19.67
CA ALA B 85 11.22 2.12 -20.38
C ALA B 85 12.02 3.24 -21.03
N GLN B 86 11.34 4.24 -21.59
CA GLN B 86 12.03 5.37 -22.21
C GLN B 86 12.58 6.34 -21.17
N ALA B 87 11.91 6.49 -20.02
CA ALA B 87 12.42 7.39 -18.99
C ALA B 87 13.55 6.79 -18.17
N GLY B 88 13.84 5.50 -18.35
CA GLY B 88 14.90 4.88 -17.58
C GLY B 88 14.51 4.44 -16.19
N ALA B 89 13.24 4.09 -15.97
CA ALA B 89 12.80 3.58 -14.68
C ALA B 89 13.37 2.20 -14.44
N GLU B 90 14.16 2.05 -13.37
CA GLU B 90 14.88 0.80 -13.13
C GLU B 90 13.94 -0.31 -12.71
N VAL B 91 14.18 -1.51 -13.22
CA VAL B 91 13.33 -2.67 -12.99
C VAL B 91 14.03 -3.63 -12.04
N TRP B 92 13.23 -4.44 -11.35
CA TRP B 92 13.76 -5.42 -10.41
C TRP B 92 13.19 -6.82 -10.57
N LYS B 93 12.20 -7.03 -11.44
CA LYS B 93 11.65 -8.35 -11.70
C LYS B 93 10.78 -8.29 -12.95
N ASP B 94 10.55 -9.47 -13.55
CA ASP B 94 9.77 -9.60 -14.78
C ASP B 94 9.52 -11.07 -15.09
N ASN B 95 8.25 -11.49 -15.08
CA ASN B 95 7.89 -12.89 -15.32
C ASN B 95 6.39 -13.06 -15.53
N ALA B 100 0.81 -10.91 -17.04
CA ALA B 100 1.40 -9.70 -17.62
C ALA B 100 1.66 -8.67 -16.53
N SER B 101 2.94 -8.47 -16.19
CA SER B 101 3.31 -7.58 -15.11
C SER B 101 4.66 -6.94 -15.41
N TYR B 102 4.84 -5.71 -14.92
CA TYR B 102 6.07 -4.95 -15.11
C TYR B 102 6.51 -4.41 -13.76
N TYR B 103 7.62 -4.91 -13.25
CA TYR B 103 8.12 -4.53 -11.94
C TYR B 103 9.20 -3.45 -12.09
N PHE B 104 9.04 -2.35 -11.36
CA PHE B 104 9.99 -1.26 -11.40
C PHE B 104 10.05 -0.63 -10.00
N LEU B 105 10.80 0.46 -9.89
CA LEU B 105 10.99 1.11 -8.59
C LEU B 105 10.95 2.62 -8.74
N ASP B 106 10.65 3.29 -7.64
CA ASP B 106 10.53 4.74 -7.55
C ASP B 106 11.93 5.32 -7.28
N PRO B 107 12.09 6.65 -7.18
CA PRO B 107 13.43 7.16 -6.84
C PRO B 107 13.99 6.62 -5.52
N ASP B 108 13.18 6.54 -4.46
CA ASP B 108 13.67 6.12 -3.15
C ASP B 108 13.69 4.61 -2.96
N GLY B 109 13.58 3.83 -4.03
CA GLY B 109 13.69 2.39 -3.94
C GLY B 109 12.45 1.64 -3.50
N HIS B 110 11.28 2.29 -3.53
CA HIS B 110 10.02 1.61 -3.27
C HIS B 110 9.66 0.73 -4.47
N LYS B 111 9.70 -0.59 -4.28
CA LYS B 111 9.39 -1.50 -5.36
C LYS B 111 7.93 -1.35 -5.77
N LEU B 112 7.71 -1.13 -7.05
CA LEU B 112 6.38 -0.92 -7.61
C LEU B 112 6.11 -1.96 -8.69
N GLU B 113 4.86 -1.98 -9.15
CA GLU B 113 4.43 -3.00 -10.09
C GLU B 113 3.28 -2.47 -10.92
N LEU B 114 3.28 -2.82 -12.21
CA LEU B 114 2.19 -2.53 -13.12
C LEU B 114 1.59 -3.85 -13.57
N HIS B 115 0.32 -4.07 -13.24
CA HIS B 115 -0.33 -5.35 -13.47
C HIS B 115 -1.64 -5.16 -14.24
N VAL B 116 -1.94 -6.12 -15.10
CA VAL B 116 -3.20 -6.15 -15.83
C VAL B 116 -3.94 -7.41 -15.40
N GLY B 117 -5.08 -7.24 -14.73
CA GLY B 117 -5.86 -8.36 -14.25
C GLY B 117 -6.24 -8.24 -12.79
N ASN B 118 -7.48 -8.58 -12.46
CA ASN B 118 -7.94 -8.53 -11.09
C ASN B 118 -7.69 -9.85 -10.37
N LEU B 119 -8.12 -9.92 -9.10
CA LEU B 119 -7.94 -11.13 -8.32
C LEU B 119 -8.77 -12.28 -8.88
N ALA B 120 -10.01 -11.98 -9.31
CA ALA B 120 -10.88 -13.03 -9.84
C ALA B 120 -10.26 -13.70 -11.06
N GLN B 121 -9.61 -12.91 -11.92
CA GLN B 121 -8.92 -13.49 -13.06
C GLN B 121 -7.72 -14.30 -12.63
N ARG B 122 -7.03 -13.85 -11.57
CA ARG B 122 -5.89 -14.61 -11.03
C ARG B 122 -6.37 -15.90 -10.38
N LEU B 123 -7.40 -15.84 -9.55
CA LEU B 123 -7.92 -17.04 -8.89
C LEU B 123 -8.39 -18.06 -9.91
N ALA B 124 -8.98 -17.60 -11.01
CA ALA B 124 -9.38 -18.50 -12.08
C ALA B 124 -8.17 -19.17 -12.73
N ALA B 125 -7.10 -18.40 -12.94
CA ALA B 125 -5.90 -18.95 -13.55
C ALA B 125 -5.29 -20.03 -12.67
N CYS B 126 -5.36 -19.85 -11.35
CA CYS B 126 -4.82 -20.84 -10.42
C CYS B 126 -5.69 -22.09 -10.37
N ARG B 127 -7.01 -21.94 -10.56
CA ARG B 127 -7.88 -23.11 -10.59
C ARG B 127 -7.53 -24.02 -11.76
N GLU B 128 -6.97 -23.46 -12.84
CA GLU B 128 -6.50 -24.27 -13.97
C GLU B 128 -5.22 -24.98 -13.59
N ARG B 129 -4.12 -24.23 -13.48
CA ARG B 129 -2.84 -24.78 -13.04
C ARG B 129 -2.47 -24.18 -11.68
N PRO B 130 -2.59 -24.92 -10.59
CA PRO B 130 -2.36 -24.35 -9.26
C PRO B 130 -0.90 -24.41 -8.84
N TYR B 131 -0.58 -23.66 -7.78
CA TYR B 131 0.77 -23.59 -7.26
C TYR B 131 1.11 -24.82 -6.43
N LYS B 132 2.32 -24.82 -5.86
CA LYS B 132 2.77 -25.88 -4.97
C LYS B 132 1.93 -25.88 -3.69
N GLY B 133 1.12 -26.93 -3.51
CA GLY B 133 0.32 -27.09 -2.31
C GLY B 133 -0.73 -26.03 -2.10
N MET B 134 -1.31 -25.51 -3.17
CA MET B 134 -2.28 -24.44 -3.06
C MET B 134 -3.60 -24.96 -2.53
N VAL B 135 -4.27 -24.16 -1.71
CA VAL B 135 -5.57 -24.51 -1.15
C VAL B 135 -6.50 -23.32 -1.31
N PHE B 136 -7.70 -23.59 -1.83
CA PHE B 136 -8.70 -22.59 -2.13
C PHE B 136 -9.81 -22.59 -1.08
N PHE B 137 -10.61 -21.54 -1.09
CA PHE B 137 -11.71 -21.43 -0.13
C PHE B 137 -13.00 -20.97 -0.80
C10 A81 C . 4.78 -20.66 -7.90
C20 A81 C . 3.20 -15.43 -6.14
C21 A81 C . 1.86 -15.35 -6.51
O01 A81 C . 3.80 -17.84 -9.59
N02 A81 C . 4.20 -16.91 -8.62
O03 A81 C . 4.48 -15.81 -8.93
C04 A81 C . 4.30 -17.33 -7.24
C05 A81 C . 3.84 -16.66 -6.12
N06 A81 C . 4.13 -17.39 -5.06
N07 A81 C . 4.76 -18.53 -5.47
C08 A81 C . 4.87 -18.51 -6.78
C09 A81 C . 5.45 -19.48 -7.58
N11 A81 C . 5.38 -21.56 -8.66
C12 A81 C . 6.62 -21.33 -9.14
N13 A81 C . 7.28 -20.23 -8.87
C14 A81 C . 6.73 -19.27 -8.09
N15 A81 C . 8.55 -20.29 -9.49
C16 A81 C . 8.64 -21.44 -10.15
O17 A81 C . 9.58 -21.79 -10.79
C18 A81 C . 7.47 -22.14 -9.96
BR2 A81 C . 7.00 -23.89 -10.67
N22 A81 C . 1.28 -14.16 -6.53
C23 A81 C . 1.97 -13.05 -6.22
N24 A81 C . 3.23 -13.06 -5.88
C25 A81 C . 3.88 -14.25 -5.84
N26 A81 C . 3.65 -11.75 -5.63
C27 A81 C . 2.62 -10.93 -5.81
O28 A81 C . 2.64 -9.75 -5.68
C29 A81 C . 1.52 -11.70 -6.20
BR A81 C . -0.27 -11.12 -6.62
ZN ZN D . -1.47 7.76 7.64
C10 A81 E . -0.26 14.47 6.70
C20 A81 E . 2.43 17.89 10.14
C21 A81 E . 1.77 19.11 9.93
O01 A81 E . -0.93 16.97 9.25
N02 A81 E . 0.01 15.99 9.58
O03 A81 E . -0.25 15.14 10.37
C04 A81 E . 1.31 16.01 8.94
C05 A81 E . 2.38 16.87 9.19
N06 A81 E . 3.35 16.53 8.37
N07 A81 E . 2.95 15.49 7.58
C08 A81 E . 1.71 15.16 7.92
C09 A81 E . 0.93 14.16 7.38
N11 A81 E . -1.00 13.50 6.21
C12 A81 E . -0.63 12.21 6.35
N13 A81 E . 0.46 11.86 6.98
C14 A81 E . 1.27 12.81 7.52
N15 A81 E . 0.56 10.46 6.96
C16 A81 E . -0.47 9.95 6.32
O17 A81 E . -0.68 8.80 6.13
C18 A81 E . -1.27 11.01 5.90
BR2 A81 E . -2.93 10.91 4.91
N22 A81 E . 1.85 20.06 10.86
C23 A81 E . 2.55 19.88 12.01
N24 A81 E . 3.18 18.75 12.25
C25 A81 E . 3.13 17.75 11.33
N26 A81 E . 3.82 18.85 13.50
C27 A81 E . 3.57 20.04 14.02
O28 A81 E . 3.96 20.42 15.08
C29 A81 E . 2.76 20.74 13.12
BR A81 E . 2.08 22.54 13.36
ZN ZN F . 2.74 -8.50 -7.47
#